data_2KDA
#
_entry.id   2KDA
#
_cell.length_a   1.000
_cell.length_b   1.000
_cell.length_c   1.000
_cell.angle_alpha   90.00
_cell.angle_beta   90.00
_cell.angle_gamma   90.00
#
_symmetry.space_group_name_H-M   'P 1'
#
loop_
_entity.id
_entity.type
_entity.pdbx_description
1 polymer "5'-D(*CP*GP*TP*AP*CP*(63H)P*CP*AP*TP*GP*C)-3'"
2 polymer "5'-D(*GP*CP*AP*TP*GP*CP*GP*TP*AP*CP*G)-3'"
#
loop_
_entity_poly.entity_id
_entity_poly.type
_entity_poly.pdbx_seq_one_letter_code
_entity_poly.pdbx_strand_id
1 'polydeoxyribonucleotide' (DC)(DG)(DT)(DA)(DC)(63H)(DC)(DA)(DT)(DG)(DC) A
2 'polydeoxyribonucleotide' (DG)(DC)(DA)(DT)(DG)(DC)(DG)(DT)(DA)(DC)(DG) B
#